data_5IFF
#
_entry.id   5IFF
#
_cell.length_a   72.893
_cell.length_b   261.716
_cell.length_c   65.083
_cell.angle_alpha   90.000
_cell.angle_beta   90.000
_cell.angle_gamma   90.000
#
_symmetry.space_group_name_H-M   'C 2 2 21'
#
loop_
_entity.id
_entity.type
_entity.pdbx_description
1 polymer 'Uncharacterized protein'
2 polymer "DNA (5'-D(*GP*CP*AP*CP*TP*AP*GP*TP*TP*CP*GP*AP*AP*CP*TP*AP*GP*TP*GP*C)-3')"
3 water water
#
loop_
_entity_poly.entity_id
_entity_poly.type
_entity_poly.pdbx_seq_one_letter_code
_entity_poly.pdbx_strand_id
1 'polypeptide(L)'
;MEASVSFENGKIVVRLPITRPTSKIAVKKIENGVGIPVSTRKKSFPSDENLRDYYIAWQISYARDGKYDYELSRMVRLAH
EHGILTYNDIYELLKFADDVKSYLEDKGIRRESTNEELYGFNIYEDVYPVAKKELPSGEFIGIVLKHKQRAVGYQSMVYV
CIPLTNVEPSLAGRVARRNEVVKYEVPVDLMKELLKAFIIASETHKNDIVKFLRSIIGTS
;
A,B
2 'polydeoxyribonucleotide' (DG)(DC)(DA)(DC)(DT)(DA)(DG)(DT)(DT)(DC)(DG)(DA)(DA)(DC)(DT)(DA)(DG)(DT)(DG)(DC) C
#
loop_
_chem_comp.id
_chem_comp.type
_chem_comp.name
_chem_comp.formula
DA DNA linking 2'-DEOXYADENOSINE-5'-MONOPHOSPHATE 'C10 H14 N5 O6 P'
DC DNA linking 2'-DEOXYCYTIDINE-5'-MONOPHOSPHATE 'C9 H14 N3 O7 P'
DG DNA linking 2'-DEOXYGUANOSINE-5'-MONOPHOSPHATE 'C10 H14 N5 O7 P'
DT DNA linking THYMIDINE-5'-MONOPHOSPHATE 'C10 H15 N2 O8 P'
#
# COMPACT_ATOMS: atom_id res chain seq x y z
N GLU A 2 11.66 -14.70 13.44
CA GLU A 2 11.94 -13.68 14.49
C GLU A 2 13.46 -13.43 14.63
N ALA A 3 13.85 -12.19 14.91
CA ALA A 3 15.25 -11.83 15.22
C ALA A 3 15.60 -12.34 16.63
N SER A 4 16.88 -12.47 16.91
CA SER A 4 17.31 -12.92 18.24
C SER A 4 18.42 -11.97 18.71
N VAL A 5 18.18 -11.28 19.82
CA VAL A 5 19.01 -10.16 20.27
C VAL A 5 19.78 -10.59 21.49
N SER A 6 21.08 -10.35 21.54
CA SER A 6 21.83 -10.78 22.72
C SER A 6 22.96 -9.79 23.03
N PHE A 7 23.52 -9.89 24.24
CA PHE A 7 24.76 -9.21 24.56
C PHE A 7 25.90 -10.21 24.45
N GLU A 8 26.90 -9.90 23.62
CA GLU A 8 28.10 -10.73 23.44
C GLU A 8 29.37 -9.89 23.25
N ASN A 9 30.40 -10.22 24.01
CA ASN A 9 31.73 -9.63 23.83
C ASN A 9 31.66 -8.11 23.70
N GLY A 10 30.95 -7.48 24.65
CA GLY A 10 30.90 -6.03 24.69
C GLY A 10 30.00 -5.34 23.68
N LYS A 11 29.20 -6.11 22.93
CA LYS A 11 28.35 -5.53 21.87
C LYS A 11 26.94 -6.09 21.92
N ILE A 12 25.99 -5.30 21.46
CA ILE A 12 24.64 -5.85 21.26
C ILE A 12 24.67 -6.53 19.88
N VAL A 13 24.23 -7.79 19.83
CA VAL A 13 24.26 -8.55 18.57
C VAL A 13 22.85 -9.02 18.21
N VAL A 14 22.49 -8.96 16.94
CA VAL A 14 21.18 -9.49 16.51
C VAL A 14 21.38 -10.56 15.46
N ARG A 15 20.70 -11.69 15.64
CA ARG A 15 20.78 -12.71 14.60
C ARG A 15 19.48 -12.68 13.78
N LEU A 16 19.65 -12.63 12.45
CA LEU A 16 18.59 -12.36 11.50
C LEU A 16 18.53 -13.41 10.43
N PRO A 17 17.31 -13.88 10.14
CA PRO A 17 17.07 -14.81 9.04
C PRO A 17 17.28 -14.12 7.71
N ILE A 18 17.89 -14.85 6.81
CA ILE A 18 18.21 -14.34 5.49
C ILE A 18 17.34 -14.98 4.39
N THR A 19 16.63 -16.04 4.72
CA THR A 19 16.00 -16.86 3.65
C THR A 19 14.48 -17.01 3.73
N ARG A 20 13.86 -16.63 4.83
CA ARG A 20 12.40 -16.91 4.86
C ARG A 20 11.68 -15.59 4.85
N PRO A 21 11.60 -14.93 3.69
CA PRO A 21 11.23 -13.52 3.79
C PRO A 21 9.77 -13.36 4.29
N THR A 22 9.57 -12.35 5.11
CA THR A 22 8.25 -12.10 5.68
C THR A 22 8.10 -10.59 5.62
N SER A 23 6.93 -10.09 5.98
CA SER A 23 6.76 -8.66 6.11
C SER A 23 7.66 -8.07 7.21
N LYS A 24 8.01 -8.87 8.22
CA LYS A 24 8.86 -8.33 9.28
C LYS A 24 10.33 -8.17 8.82
N ILE A 25 10.86 -9.24 8.21
CA ILE A 25 12.28 -9.35 7.90
C ILE A 25 12.41 -9.96 6.51
N ALA A 26 13.01 -9.23 5.56
CA ALA A 26 13.26 -9.78 4.22
C ALA A 26 14.45 -9.05 3.55
N VAL A 27 15.16 -9.79 2.69
CA VAL A 27 16.26 -9.25 1.89
C VAL A 27 15.64 -8.44 0.76
N LYS A 28 16.14 -7.23 0.55
CA LYS A 28 15.60 -6.35 -0.50
C LYS A 28 16.75 -5.70 -1.27
N LYS A 29 16.48 -5.32 -2.51
CA LYS A 29 17.48 -4.69 -3.36
C LYS A 29 17.16 -3.22 -3.42
N ILE A 30 18.13 -2.39 -3.04
CA ILE A 30 17.98 -0.94 -3.11
C ILE A 30 19.13 -0.42 -3.95
N GLU A 31 18.87 -0.24 -5.24
CA GLU A 31 19.95 -0.02 -6.19
C GLU A 31 20.64 1.30 -5.93
N ASN A 32 21.96 1.23 -5.83
CA ASN A 32 22.78 2.35 -5.40
C ASN A 32 22.16 3.13 -4.21
N GLY A 33 21.56 2.38 -3.28
CA GLY A 33 20.98 2.97 -2.08
C GLY A 33 19.85 3.96 -2.29
N VAL A 34 19.26 3.97 -3.49
CA VAL A 34 18.20 4.92 -3.81
C VAL A 34 16.97 4.22 -4.42
N GLY A 35 15.79 4.79 -4.18
CA GLY A 35 14.58 4.21 -4.72
C GLY A 35 13.84 3.36 -3.71
N ILE A 36 12.67 2.88 -4.10
CA ILE A 36 11.86 2.06 -3.22
C ILE A 36 12.51 0.69 -3.11
N PRO A 37 12.64 0.17 -1.88
CA PRO A 37 13.24 -1.17 -1.84
C PRO A 37 12.42 -2.21 -2.64
N VAL A 38 13.13 -3.06 -3.37
CA VAL A 38 12.52 -4.07 -4.22
C VAL A 38 12.75 -5.46 -3.60
N SER A 39 11.71 -6.28 -3.53
CA SER A 39 11.84 -7.58 -2.85
C SER A 39 12.59 -8.58 -3.71
N THR A 40 13.22 -9.55 -3.05
CA THR A 40 14.06 -10.53 -3.74
C THR A 40 14.11 -11.85 -2.97
N ARG A 41 14.39 -12.94 -3.65
CA ARG A 41 14.51 -14.26 -3.02
C ARG A 41 15.82 -14.88 -3.41
N LYS A 42 16.79 -14.03 -3.74
CA LYS A 42 18.14 -14.44 -4.08
C LYS A 42 18.75 -15.22 -2.92
N LYS A 43 19.34 -16.38 -3.20
CA LYS A 43 20.08 -17.13 -2.19
C LYS A 43 21.59 -17.06 -2.45
N SER A 44 21.98 -16.83 -3.71
CA SER A 44 23.39 -16.69 -4.07
C SER A 44 23.77 -15.22 -4.18
N PHE A 45 24.74 -14.76 -3.40
CA PHE A 45 25.05 -13.34 -3.43
C PHE A 45 26.38 -13.10 -4.15
N PRO A 46 26.45 -12.02 -4.94
CA PRO A 46 27.60 -11.67 -5.79
C PRO A 46 28.76 -11.13 -4.95
N SER A 47 29.89 -10.89 -5.59
CA SER A 47 31.05 -10.39 -4.86
C SER A 47 31.69 -9.14 -5.50
N ASP A 48 30.87 -8.38 -6.22
CA ASP A 48 31.28 -7.17 -6.91
C ASP A 48 30.44 -6.00 -6.43
N GLU A 49 30.43 -4.92 -7.20
CA GLU A 49 29.66 -3.73 -6.89
C GLU A 49 28.18 -4.06 -6.58
N ASN A 50 27.63 -5.11 -7.21
CA ASN A 50 26.21 -5.41 -7.02
C ASN A 50 25.88 -5.85 -5.59
N LEU A 51 26.84 -6.41 -4.84
CA LEU A 51 26.53 -6.79 -3.44
C LEU A 51 26.01 -5.63 -2.60
N ARG A 52 26.53 -4.44 -2.85
CA ARG A 52 26.20 -3.28 -2.02
C ARG A 52 24.76 -2.80 -2.21
N ASP A 53 24.06 -3.32 -3.24
CA ASP A 53 22.65 -3.02 -3.44
C ASP A 53 21.69 -3.89 -2.58
N TYR A 54 22.22 -4.88 -1.86
CA TYR A 54 21.35 -5.77 -1.07
C TYR A 54 21.35 -5.44 0.42
N TYR A 55 20.14 -5.42 0.99
CA TYR A 55 19.96 -5.07 2.40
C TYR A 55 19.04 -6.05 3.08
N ILE A 56 19.19 -6.14 4.38
CA ILE A 56 18.12 -6.78 5.14
C ILE A 56 17.19 -5.67 5.61
N ALA A 57 15.95 -5.72 5.15
CA ALA A 57 14.91 -4.78 5.53
C ALA A 57 14.11 -5.33 6.70
N TRP A 58 14.15 -4.63 7.82
CA TRP A 58 13.58 -5.10 9.04
C TRP A 58 12.58 -4.06 9.53
N GLN A 59 11.32 -4.44 9.51
CA GLN A 59 10.26 -3.61 10.07
C GLN A 59 10.30 -3.85 11.55
N ILE A 60 10.97 -2.97 12.25
CA ILE A 60 11.37 -3.22 13.63
C ILE A 60 10.35 -2.62 14.63
N SER A 61 10.23 -3.27 15.78
CA SER A 61 9.21 -2.88 16.79
C SER A 61 9.92 -2.60 18.13
N TYR A 62 9.19 -2.08 19.12
CA TYR A 62 9.82 -1.89 20.46
C TYR A 62 8.99 -2.59 21.56
N ALA A 63 7.85 -3.18 21.19
CA ALA A 63 7.01 -3.88 22.16
C ALA A 63 6.32 -5.04 21.49
N ARG A 64 5.99 -6.06 22.28
CA ARG A 64 5.22 -7.21 21.82
C ARG A 64 4.35 -7.70 22.98
N ASP A 65 3.06 -7.89 22.72
CA ASP A 65 2.10 -8.34 23.73
C ASP A 65 2.05 -7.35 24.87
N GLY A 66 2.18 -6.07 24.55
CA GLY A 66 2.18 -4.99 25.52
C GLY A 66 3.45 -4.82 26.36
N LYS A 67 4.45 -5.65 26.11
CA LYS A 67 5.67 -5.64 26.94
C LYS A 67 6.87 -5.06 26.19
N TYR A 68 7.72 -4.32 26.89
CA TYR A 68 8.86 -3.66 26.21
C TYR A 68 10.12 -4.47 26.41
N ASP A 69 10.10 -5.74 25.99
CA ASP A 69 11.35 -6.52 25.95
C ASP A 69 11.44 -7.27 24.59
N TYR A 70 11.49 -6.50 23.53
CA TYR A 70 11.32 -7.08 22.18
C TYR A 70 12.00 -6.21 21.17
N GLU A 71 12.87 -6.82 20.35
CA GLU A 71 13.63 -6.12 19.32
C GLU A 71 14.30 -4.83 19.84
N LEU A 72 13.86 -3.66 19.38
CA LEU A 72 14.56 -2.46 19.77
C LEU A 72 14.54 -2.26 21.31
N SER A 73 13.44 -2.60 22.02
CA SER A 73 13.51 -2.34 23.47
C SER A 73 14.48 -3.31 24.15
N ARG A 74 14.61 -4.53 23.62
CA ARG A 74 15.55 -5.46 24.21
C ARG A 74 17.00 -5.01 23.90
N MET A 75 17.24 -4.49 22.68
CA MET A 75 18.52 -3.93 22.33
C MET A 75 18.93 -2.83 23.32
N VAL A 76 18.01 -1.91 23.49
CA VAL A 76 18.28 -0.72 24.29
C VAL A 76 18.44 -1.06 25.77
N ARG A 77 17.58 -1.92 26.32
CA ARG A 77 17.70 -2.24 27.74
C ARG A 77 19.05 -2.95 27.95
N LEU A 78 19.40 -3.87 27.05
CA LEU A 78 20.70 -4.56 27.17
C LEU A 78 21.85 -3.59 26.98
N ALA A 79 21.71 -2.66 26.01
CA ALA A 79 22.79 -1.68 25.77
C ALA A 79 23.02 -0.79 27.02
N HIS A 80 21.93 -0.37 27.63
CA HIS A 80 22.07 0.46 28.82
C HIS A 80 22.58 -0.33 30.02
N GLU A 81 22.07 -1.56 30.23
CA GLU A 81 22.59 -2.41 31.29
C GLU A 81 24.14 -2.50 31.25
N HIS A 82 24.69 -2.55 30.04
CA HIS A 82 26.11 -2.87 29.84
C HIS A 82 26.93 -1.64 29.52
N GLY A 83 26.35 -0.45 29.65
CA GLY A 83 27.13 0.77 29.51
C GLY A 83 27.44 1.13 28.06
N ILE A 84 26.78 0.45 27.12
CA ILE A 84 26.92 0.80 25.71
C ILE A 84 26.13 2.08 25.43
N LEU A 85 24.91 2.11 25.91
CA LEU A 85 24.10 3.31 25.78
C LEU A 85 24.08 3.96 27.19
N THR A 86 24.70 5.13 27.28
CA THR A 86 25.02 5.71 28.57
C THR A 86 23.82 6.49 29.11
N TYR A 87 23.92 6.88 30.37
CA TYR A 87 22.85 7.73 30.91
C TYR A 87 22.76 8.99 30.10
N ASN A 88 23.95 9.55 29.79
CA ASN A 88 23.97 10.78 29.04
C ASN A 88 23.30 10.60 27.67
N ASP A 89 23.55 9.46 27.03
CA ASP A 89 22.89 9.16 25.76
C ASP A 89 21.36 9.25 25.95
N ILE A 90 20.87 8.65 27.05
CA ILE A 90 19.42 8.59 27.27
C ILE A 90 18.88 10.01 27.54
N TYR A 91 19.62 10.79 28.33
CA TYR A 91 19.16 12.16 28.61
C TYR A 91 19.06 12.99 27.33
N GLU A 92 20.04 12.79 26.42
CA GLU A 92 20.00 13.47 25.13
C GLU A 92 18.79 13.05 24.29
N LEU A 93 18.43 11.80 24.34
CA LEU A 93 17.26 11.36 23.61
C LEU A 93 15.96 11.93 24.24
N LEU A 94 15.91 11.96 25.57
CA LEU A 94 14.72 12.56 26.24
C LEU A 94 14.59 14.05 25.90
N LYS A 95 15.72 14.74 25.83
CA LYS A 95 15.76 16.14 25.41
C LYS A 95 15.26 16.34 23.96
N PHE A 96 15.70 15.46 23.08
CA PHE A 96 15.21 15.46 21.69
C PHE A 96 13.68 15.32 21.64
N ALA A 97 13.16 14.32 22.36
CA ALA A 97 11.72 14.11 22.38
C ALA A 97 10.97 15.34 22.90
N ASP A 98 11.55 16.09 23.85
CA ASP A 98 10.91 17.32 24.35
C ASP A 98 10.74 18.35 23.26
N ASP A 99 11.69 18.38 22.35
CA ASP A 99 11.72 19.36 21.26
C ASP A 99 10.80 18.99 20.07
N VAL A 100 10.43 17.73 19.95
CA VAL A 100 9.62 17.28 18.81
C VAL A 100 8.13 17.60 19.06
N LYS A 101 7.51 18.39 18.16
CA LYS A 101 6.07 18.78 18.29
C LYS A 101 5.32 18.56 16.95
N SER A 102 5.97 17.87 16.03
CA SER A 102 5.35 17.58 14.74
C SER A 102 5.86 16.22 14.27
N TYR A 103 5.01 15.48 13.55
CA TYR A 103 5.27 14.06 13.30
C TYR A 103 5.03 13.70 11.86
N LEU A 104 5.64 12.60 11.42
CA LEU A 104 5.41 12.13 10.07
C LEU A 104 3.92 11.89 9.81
N GLU A 105 3.22 11.23 10.75
CA GLU A 105 1.77 11.03 10.63
C GLU A 105 0.98 12.32 10.43
N ASP A 106 1.46 13.45 10.96
CA ASP A 106 0.79 14.74 10.73
C ASP A 106 0.74 15.17 9.25
N LYS A 107 1.68 14.69 8.45
CA LYS A 107 1.81 15.06 7.06
C LYS A 107 0.73 14.40 6.25
N GLY A 108 0.50 13.13 6.55
CA GLY A 108 -0.56 12.39 5.90
C GLY A 108 -0.24 12.11 4.44
N ILE A 109 -1.29 11.91 3.66
CA ILE A 109 -1.22 11.54 2.25
C ILE A 109 -2.02 12.53 1.42
N ARG A 110 -1.46 13.09 0.36
CA ARG A 110 -2.23 14.01 -0.48
C ARG A 110 -2.43 13.50 -1.93
N ARG A 111 -3.53 13.89 -2.57
CA ARG A 111 -3.73 13.53 -3.97
C ARG A 111 -3.58 14.78 -4.82
N GLU A 112 -2.69 14.70 -5.81
CA GLU A 112 -2.43 15.84 -6.68
C GLU A 112 -3.00 15.57 -8.04
N SER A 113 -3.62 16.59 -8.61
CA SER A 113 -4.06 16.55 -9.97
C SER A 113 -2.89 16.81 -10.88
N THR A 114 -2.91 16.20 -12.05
CA THR A 114 -1.93 16.48 -13.09
C THR A 114 -2.66 16.93 -14.33
N ASN A 115 -1.94 17.11 -15.41
CA ASN A 115 -2.58 17.46 -16.65
C ASN A 115 -2.48 16.34 -17.67
N GLU A 116 -2.01 15.18 -17.22
CA GLU A 116 -1.89 14.04 -18.11
C GLU A 116 -3.22 13.33 -18.18
N GLU A 117 -3.49 12.73 -19.34
CA GLU A 117 -4.59 11.82 -19.51
C GLU A 117 -4.00 10.53 -20.08
N LEU A 118 -4.48 9.38 -19.62
CA LEU A 118 -4.07 8.11 -20.21
C LEU A 118 -5.24 7.60 -21.04
N TYR A 119 -5.21 7.88 -22.35
CA TYR A 119 -6.28 7.49 -23.27
C TYR A 119 -7.66 7.91 -22.76
N GLY A 120 -7.78 9.19 -22.39
CA GLY A 120 -9.05 9.73 -21.97
C GLY A 120 -9.25 9.79 -20.46
N PHE A 121 -8.49 9.00 -19.71
CA PHE A 121 -8.65 8.97 -18.25
C PHE A 121 -7.74 9.98 -17.58
N ASN A 122 -8.31 10.81 -16.71
CA ASN A 122 -7.49 11.78 -15.97
C ASN A 122 -6.53 11.08 -15.03
N ILE A 123 -5.29 11.57 -14.97
CA ILE A 123 -4.26 10.99 -14.13
C ILE A 123 -4.12 11.86 -12.88
N TYR A 124 -4.18 11.22 -11.71
CA TYR A 124 -3.88 11.87 -10.43
C TYR A 124 -2.66 11.20 -9.85
N GLU A 125 -2.06 11.80 -8.83
CA GLU A 125 -0.94 11.17 -8.14
C GLU A 125 -1.21 11.16 -6.63
N ASP A 126 -1.17 9.99 -6.00
CA ASP A 126 -1.24 9.90 -4.55
C ASP A 126 0.18 9.97 -3.96
N VAL A 127 0.39 10.81 -2.94
CA VAL A 127 1.74 11.18 -2.55
C VAL A 127 1.94 10.85 -1.06
N TYR A 128 2.83 9.91 -0.78
CA TYR A 128 3.11 9.41 0.58
C TYR A 128 4.44 9.96 1.10
N PRO A 129 4.44 10.54 2.31
CA PRO A 129 5.70 11.08 2.84
C PRO A 129 6.57 9.95 3.41
N VAL A 130 7.88 10.03 3.15
CA VAL A 130 8.83 9.09 3.69
C VAL A 130 9.96 9.85 4.41
N ALA A 131 10.27 9.45 5.65
CA ALA A 131 11.43 10.05 6.33
C ALA A 131 12.56 9.06 6.26
N LYS A 132 13.77 9.52 5.96
CA LYS A 132 14.85 8.55 5.81
C LYS A 132 16.21 9.14 6.27
N LYS A 133 17.02 8.35 6.93
CA LYS A 133 18.36 8.82 7.36
C LYS A 133 19.37 7.73 7.05
N GLU A 134 20.57 8.10 6.64
CA GLU A 134 21.59 7.09 6.34
C GLU A 134 22.75 7.23 7.31
N LEU A 135 23.21 6.10 7.88
CA LEU A 135 24.38 6.11 8.75
C LEU A 135 25.69 6.02 7.96
N PRO A 136 26.82 6.49 8.53
CA PRO A 136 28.08 6.43 7.78
C PRO A 136 28.41 4.99 7.39
N SER A 137 28.02 4.00 8.19
CA SER A 137 28.40 2.63 7.84
C SER A 137 27.42 1.94 6.84
N GLY A 138 26.41 2.70 6.37
CA GLY A 138 25.58 2.26 5.23
C GLY A 138 24.14 1.91 5.58
N GLU A 139 23.84 1.78 6.88
CA GLU A 139 22.48 1.41 7.30
C GLU A 139 21.52 2.56 6.98
N PHE A 140 20.26 2.24 6.63
CA PHE A 140 19.23 3.24 6.40
C PHE A 140 18.21 3.10 7.50
N ILE A 141 17.68 4.22 7.98
CA ILE A 141 16.53 4.17 8.89
C ILE A 141 15.42 4.90 8.20
N GLY A 142 14.30 4.22 7.94
CA GLY A 142 13.21 4.81 7.20
C GLY A 142 11.88 4.83 7.99
N ILE A 143 11.01 5.81 7.71
CA ILE A 143 9.68 5.83 8.31
C ILE A 143 8.66 6.05 7.20
N VAL A 144 7.69 5.16 7.12
CA VAL A 144 6.72 5.28 6.02
C VAL A 144 5.32 5.23 6.62
N LEU A 145 4.32 5.56 5.83
CA LEU A 145 2.94 5.55 6.27
C LEU A 145 2.16 4.46 5.55
N LYS A 146 1.16 3.91 6.25
CA LYS A 146 0.18 3.00 5.67
C LYS A 146 -1.22 3.42 6.13
N HIS A 147 -2.23 3.26 5.28
CA HIS A 147 -3.58 3.53 5.73
C HIS A 147 -3.92 2.55 6.84
N LYS A 148 -4.67 3.01 7.83
CA LYS A 148 -5.05 2.11 8.90
C LYS A 148 -6.06 1.11 8.35
N GLN A 149 -6.02 -0.11 8.87
CA GLN A 149 -6.78 -1.23 8.32
C GLN A 149 -8.27 -0.98 8.35
N ARG A 150 -8.77 -0.42 9.44
CA ARG A 150 -10.21 -0.23 9.60
C ARG A 150 -10.58 1.21 9.92
N ALA A 151 -9.56 2.05 10.09
CA ALA A 151 -9.77 3.41 10.58
C ALA A 151 -9.50 4.46 9.51
N VAL A 152 -9.81 5.70 9.86
CA VAL A 152 -9.60 6.87 9.01
C VAL A 152 -8.16 7.42 9.06
N GLY A 153 -7.35 6.94 10.00
CA GLY A 153 -5.99 7.47 10.11
C GLY A 153 -4.85 6.87 9.28
N TYR A 154 -3.63 7.08 9.77
CA TYR A 154 -2.44 6.53 9.15
C TYR A 154 -1.65 5.76 10.21
N GLN A 155 -0.97 4.71 9.78
CA GLN A 155 -0.11 3.98 10.69
C GLN A 155 1.32 4.29 10.25
N SER A 156 2.21 4.64 11.18
CA SER A 156 3.60 4.84 10.76
C SER A 156 4.39 3.59 11.03
N MET A 157 5.32 3.23 10.14
CA MET A 157 6.15 2.05 10.38
C MET A 157 7.62 2.42 10.26
N VAL A 158 8.45 1.90 11.15
CA VAL A 158 9.87 2.21 11.09
C VAL A 158 10.63 0.98 10.60
N TYR A 159 11.61 1.19 9.73
CA TYR A 159 12.37 0.12 9.09
C TYR A 159 13.81 0.44 9.31
N VAL A 160 14.63 -0.58 9.51
CA VAL A 160 16.09 -0.37 9.34
C VAL A 160 16.51 -1.29 8.17
N CYS A 161 17.34 -0.77 7.27
CA CYS A 161 17.81 -1.53 6.13
C CYS A 161 19.31 -1.72 6.37
N ILE A 162 19.72 -2.96 6.56
CA ILE A 162 21.08 -3.32 6.97
C ILE A 162 21.83 -3.88 5.76
N PRO A 163 22.92 -3.22 5.32
CA PRO A 163 23.66 -3.82 4.16
C PRO A 163 24.15 -5.24 4.43
N LEU A 164 23.96 -6.15 3.47
CA LEU A 164 24.49 -7.49 3.63
C LEU A 164 26.02 -7.47 3.82
N THR A 165 26.66 -6.39 3.39
CA THR A 165 28.12 -6.36 3.51
C THR A 165 28.50 -6.13 4.97
N ASN A 166 27.49 -5.82 5.80
CA ASN A 166 27.72 -5.53 7.23
C ASN A 166 27.37 -6.67 8.17
N VAL A 167 27.06 -7.84 7.64
CA VAL A 167 26.73 -8.96 8.50
C VAL A 167 27.76 -10.08 8.40
N GLU A 168 27.71 -11.04 9.32
CA GLU A 168 28.62 -12.20 9.32
C GLU A 168 27.83 -13.49 9.38
N PRO A 169 28.37 -14.57 8.83
CA PRO A 169 29.59 -14.68 8.01
C PRO A 169 29.40 -13.94 6.67
N SER A 170 30.45 -13.26 6.21
CA SER A 170 30.43 -12.56 4.93
C SER A 170 29.63 -13.29 3.83
N LEU A 171 28.71 -12.56 3.23
CA LEU A 171 27.87 -13.13 2.15
C LEU A 171 28.49 -12.98 0.76
N ALA A 172 29.54 -12.17 0.64
CA ALA A 172 30.22 -11.99 -0.67
C ALA A 172 30.53 -13.30 -1.39
N GLY A 173 29.91 -13.53 -2.55
CA GLY A 173 30.18 -14.71 -3.33
C GLY A 173 29.77 -16.03 -2.73
N ARG A 174 28.73 -16.00 -1.91
CA ARG A 174 28.34 -17.14 -1.09
C ARG A 174 26.87 -17.47 -1.37
N VAL A 175 26.47 -18.74 -1.31
CA VAL A 175 25.03 -19.05 -1.30
C VAL A 175 24.46 -19.35 0.11
N ALA A 176 23.48 -18.56 0.53
CA ALA A 176 22.84 -18.74 1.85
C ALA A 176 22.37 -20.20 2.07
N ARG A 177 22.68 -20.76 3.24
CA ARG A 177 22.25 -22.11 3.60
C ARG A 177 20.73 -22.11 3.85
N ARG A 178 20.15 -23.31 3.93
CA ARG A 178 18.75 -23.46 4.31
C ARG A 178 18.51 -22.88 5.70
N ASN A 179 17.54 -21.99 5.83
CA ASN A 179 17.25 -21.33 7.11
C ASN A 179 18.48 -20.59 7.69
N GLU A 180 19.31 -20.06 6.81
CA GLU A 180 20.50 -19.34 7.26
C GLU A 180 20.15 -18.17 8.16
N VAL A 181 20.89 -18.04 9.25
CA VAL A 181 20.82 -16.91 10.13
C VAL A 181 22.19 -16.16 10.18
N VAL A 182 22.19 -14.84 10.01
CA VAL A 182 23.45 -14.10 10.02
C VAL A 182 23.52 -13.24 11.26
N LYS A 183 24.71 -12.73 11.54
CA LYS A 183 25.00 -12.03 12.79
C LYS A 183 25.35 -10.58 12.47
N TYR A 184 24.74 -9.65 13.21
CA TYR A 184 24.93 -8.23 12.99
C TYR A 184 25.22 -7.51 14.31
N GLU A 185 26.34 -6.79 14.37
CA GLU A 185 26.66 -6.05 15.59
C GLU A 185 25.94 -4.72 15.49
N VAL A 186 25.15 -4.40 16.50
CA VAL A 186 24.32 -3.20 16.43
C VAL A 186 25.14 -2.03 16.90
N PRO A 187 25.37 -1.04 16.03
CA PRO A 187 26.08 0.18 16.42
C PRO A 187 25.25 1.00 17.42
N VAL A 188 25.86 1.61 18.44
CA VAL A 188 25.07 2.53 19.27
C VAL A 188 24.32 3.61 18.51
N ASP A 189 24.90 4.20 17.47
CA ASP A 189 24.20 5.28 16.77
C ASP A 189 22.93 4.77 16.08
N LEU A 190 22.89 3.50 15.72
CA LEU A 190 21.72 2.94 15.09
C LEU A 190 20.57 2.86 16.12
N MET A 191 20.90 2.48 17.34
CA MET A 191 19.89 2.39 18.38
C MET A 191 19.39 3.79 18.67
N LYS A 192 20.30 4.75 18.73
CA LYS A 192 19.86 6.13 18.93
C LYS A 192 18.92 6.61 17.82
N GLU A 193 19.31 6.37 16.58
CA GLU A 193 18.49 6.87 15.47
C GLU A 193 17.18 6.15 15.31
N LEU A 194 17.11 4.86 15.67
CA LEU A 194 15.87 4.14 15.62
C LEU A 194 14.90 4.68 16.70
N LEU A 195 15.44 5.09 17.86
CA LEU A 195 14.61 5.69 18.93
C LEU A 195 14.14 7.03 18.43
N LYS A 196 15.02 7.78 17.80
CA LYS A 196 14.62 9.09 17.25
C LYS A 196 13.59 8.93 16.14
N ALA A 197 13.74 7.89 15.34
CA ALA A 197 12.73 7.60 14.29
C ALA A 197 11.32 7.40 14.92
N PHE A 198 11.22 6.60 15.96
CA PHE A 198 9.93 6.37 16.55
C PHE A 198 9.38 7.66 17.18
N ILE A 199 10.29 8.46 17.75
CA ILE A 199 9.92 9.72 18.38
C ILE A 199 9.28 10.67 17.35
N ILE A 200 9.79 10.70 16.10
CA ILE A 200 9.24 11.65 15.11
C ILE A 200 8.11 11.01 14.25
N ALA A 201 7.88 9.71 14.42
CA ALA A 201 6.84 9.01 13.62
C ALA A 201 5.41 9.42 13.98
N SER A 202 5.11 9.47 15.29
CA SER A 202 3.77 9.87 15.78
C SER A 202 3.86 10.26 17.23
N GLU A 203 2.88 11.06 17.70
CA GLU A 203 2.91 11.43 19.11
C GLU A 203 2.79 10.19 19.98
N THR A 204 1.98 9.23 19.56
CA THR A 204 1.80 8.02 20.34
C THR A 204 3.10 7.23 20.45
N HIS A 205 3.81 7.12 19.33
CA HIS A 205 5.09 6.42 19.37
C HIS A 205 6.07 7.14 20.27
N LYS A 206 6.13 8.47 20.16
CA LYS A 206 7.03 9.26 21.02
C LYS A 206 6.72 9.01 22.52
N ASN A 207 5.43 9.07 22.86
CA ASN A 207 5.02 8.87 24.23
C ASN A 207 5.47 7.50 24.70
N ASP A 208 5.33 6.51 23.81
CA ASP A 208 5.77 5.16 24.17
C ASP A 208 7.26 5.11 24.45
N ILE A 209 8.04 5.72 23.54
CA ILE A 209 9.49 5.72 23.67
C ILE A 209 9.92 6.47 24.94
N VAL A 210 9.32 7.64 25.20
CA VAL A 210 9.74 8.41 26.40
C VAL A 210 9.49 7.67 27.72
N LYS A 211 8.30 7.06 27.87
CA LYS A 211 7.97 6.24 29.01
C LYS A 211 8.93 5.04 29.18
N PHE A 212 9.24 4.41 28.08
CA PHE A 212 10.22 3.30 28.07
C PHE A 212 11.60 3.78 28.55
N LEU A 213 12.11 4.84 27.95
CA LEU A 213 13.42 5.36 28.35
C LEU A 213 13.40 5.80 29.81
N ARG A 214 12.36 6.54 30.22
CA ARG A 214 12.26 6.90 31.62
C ARG A 214 12.32 5.67 32.53
N SER A 215 11.76 4.56 32.07
CA SER A 215 11.66 3.37 32.93
C SER A 215 13.00 2.66 33.03
N ILE A 216 13.83 2.76 31.98
CA ILE A 216 15.12 2.06 32.11
C ILE A 216 16.15 2.88 32.94
N ILE A 217 16.03 4.20 32.97
CA ILE A 217 16.75 5.02 33.95
C ILE A 217 16.42 4.56 35.39
N GLU B 2 -19.86 -12.00 -4.83
CA GLU B 2 -21.09 -11.88 -4.08
C GLU B 2 -22.08 -10.86 -4.68
N ALA B 3 -21.77 -10.34 -5.88
CA ALA B 3 -22.72 -9.49 -6.62
C ALA B 3 -23.64 -10.34 -7.47
N SER B 4 -24.86 -9.86 -7.67
CA SER B 4 -25.82 -10.60 -8.48
C SER B 4 -26.18 -9.82 -9.74
N VAL B 5 -25.74 -10.35 -10.88
CA VAL B 5 -26.00 -9.73 -12.18
C VAL B 5 -27.17 -10.40 -12.91
N SER B 6 -28.05 -9.59 -13.49
CA SER B 6 -29.20 -10.14 -14.22
C SER B 6 -29.63 -9.23 -15.38
N PHE B 7 -30.63 -9.70 -16.13
CA PHE B 7 -31.28 -8.90 -17.16
C PHE B 7 -32.78 -8.79 -16.82
N GLU B 8 -33.23 -7.56 -16.58
CA GLU B 8 -34.60 -7.28 -16.16
C GLU B 8 -35.06 -5.99 -16.82
N ASN B 9 -36.27 -6.01 -17.37
CA ASN B 9 -36.92 -4.82 -17.90
C ASN B 9 -36.07 -4.13 -18.97
N GLY B 10 -35.42 -4.92 -19.81
CA GLY B 10 -34.61 -4.39 -20.89
C GLY B 10 -33.33 -3.71 -20.42
N LYS B 11 -33.01 -3.89 -19.14
CA LYS B 11 -31.83 -3.28 -18.54
C LYS B 11 -30.99 -4.31 -17.80
N ILE B 12 -29.67 -4.18 -17.91
CA ILE B 12 -28.75 -4.96 -17.08
C ILE B 12 -28.77 -4.41 -15.67
N VAL B 13 -29.09 -5.23 -14.68
CA VAL B 13 -29.06 -4.73 -13.30
C VAL B 13 -28.13 -5.56 -12.41
N VAL B 14 -27.48 -4.87 -11.47
CA VAL B 14 -26.65 -5.54 -10.47
C VAL B 14 -27.24 -5.29 -9.11
N ARG B 15 -27.30 -6.32 -8.27
CA ARG B 15 -27.75 -6.18 -6.90
C ARG B 15 -26.54 -6.30 -5.96
N LEU B 16 -26.30 -5.26 -5.16
CA LEU B 16 -25.09 -5.16 -4.34
C LEU B 16 -25.37 -5.10 -2.83
N PRO B 17 -24.68 -5.91 -2.04
CA PRO B 17 -24.91 -5.76 -0.59
C PRO B 17 -24.18 -4.52 -0.04
N ILE B 18 -24.76 -3.82 0.91
CA ILE B 18 -24.14 -2.59 1.43
C ILE B 18 -23.85 -2.61 2.94
N THR B 19 -24.02 -3.75 3.61
CA THR B 19 -23.77 -3.77 5.05
C THR B 19 -22.67 -4.74 5.49
N ARG B 20 -22.08 -5.45 4.52
CA ARG B 20 -21.00 -6.40 4.81
C ARG B 20 -19.78 -5.98 4.02
N PRO B 21 -19.04 -4.97 4.51
CA PRO B 21 -17.94 -4.40 3.74
C PRO B 21 -16.73 -5.36 3.59
N THR B 22 -16.18 -5.42 2.37
CA THR B 22 -15.05 -6.28 2.04
C THR B 22 -14.07 -5.52 1.16
N SER B 23 -12.93 -6.14 0.84
CA SER B 23 -12.02 -5.60 -0.16
C SER B 23 -12.75 -5.32 -1.47
N LYS B 24 -13.68 -6.19 -1.84
CA LYS B 24 -14.39 -6.05 -3.12
C LYS B 24 -15.55 -5.03 -3.12
N ILE B 25 -16.31 -4.97 -2.02
CA ILE B 25 -17.49 -4.09 -2.00
C ILE B 25 -17.56 -3.41 -0.63
N ALA B 26 -17.60 -2.08 -0.67
CA ALA B 26 -17.70 -1.30 0.56
C ALA B 26 -18.34 0.06 0.25
N VAL B 27 -19.13 0.54 1.20
CA VAL B 27 -19.70 1.88 1.10
C VAL B 27 -18.70 2.91 1.63
N LYS B 28 -18.50 4.01 0.92
CA LYS B 28 -17.51 5.00 1.31
C LYS B 28 -18.13 6.39 1.35
N LYS B 29 -17.65 7.23 2.27
CA LYS B 29 -17.93 8.67 2.24
C LYS B 29 -16.74 9.39 1.59
N ILE B 30 -16.99 10.20 0.57
CA ILE B 30 -15.90 10.88 -0.11
C ILE B 30 -15.67 12.29 0.42
N GLU B 31 -14.43 12.56 0.85
CA GLU B 31 -14.03 13.90 1.22
C GLU B 31 -12.66 14.20 0.61
N ASN B 32 -12.57 15.34 -0.08
CA ASN B 32 -11.33 15.77 -0.75
C ASN B 32 -10.64 14.64 -1.51
N GLY B 33 -11.43 13.83 -2.20
CA GLY B 33 -10.89 12.71 -2.95
C GLY B 33 -10.81 11.42 -2.16
N VAL B 34 -10.33 11.49 -0.92
CA VAL B 34 -10.17 10.30 -0.11
C VAL B 34 -11.53 9.68 0.24
N GLY B 35 -11.57 8.34 0.23
CA GLY B 35 -12.79 7.60 0.50
C GLY B 35 -12.81 7.06 1.91
N ILE B 36 -13.51 7.77 2.80
CA ILE B 36 -13.73 7.31 4.17
C ILE B 36 -14.67 6.11 4.21
N PRO B 37 -14.28 5.04 4.90
CA PRO B 37 -15.19 3.91 5.09
C PRO B 37 -16.38 4.30 5.98
N VAL B 38 -17.52 3.65 5.80
CA VAL B 38 -18.66 3.93 6.65
C VAL B 38 -19.40 2.64 7.01
N SER B 39 -19.90 2.57 8.25
CA SER B 39 -20.78 1.49 8.66
C SER B 39 -22.23 1.90 8.49
N THR B 40 -22.88 1.28 7.52
CA THR B 40 -24.23 1.65 7.11
C THR B 40 -25.33 1.22 8.09
N ARG B 41 -24.95 0.54 9.17
CA ARG B 41 -25.92 0.02 10.13
C ARG B 41 -26.02 0.90 11.38
N LYS B 42 -24.93 1.59 11.70
CA LYS B 42 -24.88 2.41 12.92
C LYS B 42 -25.38 3.84 12.70
N LYS B 43 -24.69 4.60 11.84
CA LYS B 43 -25.08 5.99 11.56
C LYS B 43 -26.11 6.10 10.43
N SER B 44 -27.08 6.99 10.64
CA SER B 44 -28.13 7.24 9.66
C SER B 44 -27.60 8.10 8.51
N PHE B 45 -28.13 7.87 7.31
CA PHE B 45 -27.81 8.71 6.15
C PHE B 45 -28.56 10.04 6.17
N PRO B 46 -27.91 11.13 5.73
CA PRO B 46 -28.51 12.47 5.64
C PRO B 46 -29.78 12.49 4.79
N LEU B 51 -26.11 13.60 0.80
CA LEU B 51 -26.03 12.20 0.40
C LEU B 51 -25.08 12.00 -0.78
N ARG B 52 -24.82 13.08 -1.53
CA ARG B 52 -23.87 13.06 -2.63
C ARG B 52 -22.49 12.60 -2.20
N ASP B 53 -22.25 12.60 -0.89
CA ASP B 53 -20.96 12.20 -0.32
C ASP B 53 -20.73 10.69 -0.31
N TYR B 54 -21.77 9.90 -0.57
CA TYR B 54 -21.70 8.46 -0.32
C TYR B 54 -21.78 7.60 -1.56
N TYR B 55 -20.86 6.64 -1.66
CA TYR B 55 -20.72 5.80 -2.83
C TYR B 55 -20.61 4.33 -2.44
N ILE B 56 -21.04 3.43 -3.32
CA ILE B 56 -20.63 2.04 -3.20
C ILE B 56 -19.32 1.90 -3.98
N ALA B 57 -18.27 1.42 -3.30
CA ALA B 57 -16.96 1.21 -3.93
C ALA B 57 -16.79 -0.25 -4.31
N TRP B 58 -16.74 -0.52 -5.60
CA TRP B 58 -16.76 -1.89 -6.04
C TRP B 58 -15.52 -2.21 -6.86
N GLN B 59 -14.68 -3.08 -6.32
CA GLN B 59 -13.49 -3.55 -7.02
C GLN B 59 -13.90 -4.68 -7.97
N ILE B 60 -14.25 -4.30 -9.18
CA ILE B 60 -14.97 -5.21 -10.06
C ILE B 60 -13.99 -6.13 -10.80
N SER B 61 -14.44 -7.33 -11.12
CA SER B 61 -13.61 -8.31 -11.83
C SER B 61 -14.22 -8.62 -13.19
N TYR B 62 -13.51 -9.40 -14.00
CA TYR B 62 -14.02 -9.79 -15.30
C TYR B 62 -13.82 -11.29 -15.50
N ALA B 63 -13.17 -11.92 -14.54
CA ALA B 63 -12.98 -13.37 -14.59
C ALA B 63 -12.96 -14.00 -13.20
N ARG B 64 -13.18 -15.31 -13.15
CA ARG B 64 -13.16 -16.06 -11.89
C ARG B 64 -12.98 -17.54 -12.20
N ASP B 65 -11.95 -18.14 -11.61
CA ASP B 65 -11.56 -19.54 -11.90
C ASP B 65 -11.19 -19.74 -13.37
N GLY B 66 -10.77 -18.66 -14.01
CA GLY B 66 -10.38 -18.72 -15.42
C GLY B 66 -11.57 -18.54 -16.34
N LYS B 67 -12.75 -18.36 -15.76
CA LYS B 67 -13.98 -18.25 -16.53
C LYS B 67 -14.34 -16.78 -16.75
N TYR B 68 -14.71 -16.44 -17.99
CA TYR B 68 -15.13 -15.07 -18.28
C TYR B 68 -16.65 -14.96 -18.30
N ASP B 69 -17.26 -15.42 -17.22
CA ASP B 69 -18.69 -15.23 -16.99
C ASP B 69 -18.90 -14.78 -15.54
N TYR B 70 -18.38 -13.61 -15.20
CA TYR B 70 -18.38 -13.11 -13.82
C TYR B 70 -18.28 -11.58 -13.77
N GLU B 71 -19.20 -10.97 -13.02
CA GLU B 71 -19.25 -9.52 -12.83
C GLU B 71 -19.24 -8.81 -14.18
N LEU B 72 -18.14 -8.15 -14.53
CA LEU B 72 -18.11 -7.33 -15.73
C LEU B 72 -18.37 -8.18 -16.97
N SER B 73 -17.76 -9.36 -17.08
CA SER B 73 -17.93 -10.13 -18.29
C SER B 73 -19.33 -10.69 -18.35
N ARG B 74 -19.95 -10.88 -17.19
CA ARG B 74 -21.32 -11.36 -17.19
C ARG B 74 -22.25 -10.25 -17.66
N MET B 75 -21.96 -9.02 -17.24
CA MET B 75 -22.78 -7.89 -17.64
C MET B 75 -22.69 -7.67 -19.15
N VAL B 76 -21.46 -7.72 -19.67
CA VAL B 76 -21.21 -7.56 -21.10
C VAL B 76 -21.93 -8.63 -21.95
N ARG B 77 -21.80 -9.91 -21.57
CA ARG B 77 -22.44 -11.00 -22.31
C ARG B 77 -23.95 -10.81 -22.42
N LEU B 78 -24.55 -10.42 -21.29
CA LEU B 78 -25.99 -10.18 -21.22
C LEU B 78 -26.38 -8.97 -22.07
N ALA B 79 -25.58 -7.91 -21.99
CA ALA B 79 -25.82 -6.73 -22.81
C ALA B 79 -25.74 -7.03 -24.30
N HIS B 80 -24.74 -7.80 -24.73
CA HIS B 80 -24.58 -8.07 -26.14
C HIS B 80 -25.70 -8.98 -26.63
N GLU B 81 -26.16 -9.87 -25.75
CA GLU B 81 -27.18 -10.81 -26.18
C GLU B 81 -28.56 -10.14 -26.25
N HIS B 82 -28.71 -8.99 -25.60
CA HIS B 82 -29.98 -8.28 -25.58
C HIS B 82 -29.93 -6.94 -26.32
N GLY B 83 -28.85 -6.70 -27.05
CA GLY B 83 -28.79 -5.57 -27.97
C GLY B 83 -28.50 -4.23 -27.32
N ILE B 84 -28.23 -4.25 -26.03
CA ILE B 84 -27.76 -3.07 -25.32
C ILE B 84 -26.33 -2.76 -25.78
N LEU B 85 -25.53 -3.81 -25.92
CA LEU B 85 -24.18 -3.67 -26.45
C LEU B 85 -24.08 -4.26 -27.86
N THR B 86 -24.24 -3.40 -28.86
CA THR B 86 -24.16 -3.82 -30.27
C THR B 86 -22.77 -4.31 -30.70
N TYR B 87 -22.73 -4.98 -31.84
CA TYR B 87 -21.48 -5.43 -32.43
C TYR B 87 -20.61 -4.22 -32.73
N ASN B 88 -21.27 -3.12 -33.11
CA ASN B 88 -20.60 -1.87 -33.37
C ASN B 88 -19.79 -1.42 -32.12
N ASP B 89 -20.41 -1.52 -30.96
CA ASP B 89 -19.76 -1.12 -29.71
C ASP B 89 -18.51 -1.97 -29.45
N ILE B 90 -18.60 -3.25 -29.74
CA ILE B 90 -17.50 -4.16 -29.43
C ILE B 90 -16.35 -3.91 -30.39
N TYR B 91 -16.69 -3.59 -31.64
CA TYR B 91 -15.71 -3.25 -32.64
C TYR B 91 -14.88 -2.04 -32.23
N GLU B 92 -15.56 -1.00 -31.77
CA GLU B 92 -14.86 0.23 -31.46
C GLU B 92 -14.03 0.06 -30.20
N LEU B 93 -14.48 -0.80 -29.29
CA LEU B 93 -13.73 -1.07 -28.06
C LEU B 93 -12.48 -1.86 -28.44
N LEU B 94 -12.61 -2.74 -29.43
CA LEU B 94 -11.46 -3.47 -29.95
C LEU B 94 -10.48 -2.53 -30.67
N LYS B 95 -11.02 -1.52 -31.35
CA LYS B 95 -10.21 -0.51 -32.03
C LYS B 95 -9.46 0.34 -30.99
N PHE B 96 -10.19 0.76 -29.96
CA PHE B 96 -9.61 1.50 -28.84
C PHE B 96 -8.41 0.72 -28.31
N ALA B 97 -8.64 -0.52 -27.91
CA ALA B 97 -7.60 -1.41 -27.44
C ALA B 97 -6.38 -1.53 -28.36
N ASP B 98 -6.62 -1.65 -29.68
CA ASP B 98 -5.52 -1.77 -30.62
C ASP B 98 -4.68 -0.50 -30.62
N ASP B 99 -5.34 0.64 -30.38
CA ASP B 99 -4.66 1.93 -30.35
C ASP B 99 -3.85 2.14 -29.05
N VAL B 100 -4.19 1.42 -27.99
CA VAL B 100 -3.54 1.63 -26.69
C VAL B 100 -2.15 1.00 -26.64
N LYS B 101 -1.14 1.83 -26.40
CA LYS B 101 0.26 1.41 -26.45
C LYS B 101 1.05 1.56 -25.13
N SER B 102 0.45 2.23 -24.14
CA SER B 102 1.07 2.34 -22.82
C SER B 102 -0.01 2.18 -21.76
N TYR B 103 0.41 1.92 -20.53
CA TYR B 103 -0.52 1.49 -19.49
C TYR B 103 -0.26 2.19 -18.16
N LEU B 104 -1.20 2.05 -17.25
CA LEU B 104 -1.00 2.64 -15.92
C LEU B 104 0.22 1.97 -15.30
N GLU B 105 0.34 0.66 -15.50
CA GLU B 105 1.45 -0.05 -14.89
C GLU B 105 2.80 0.45 -15.39
N ASP B 106 2.83 1.01 -16.60
CA ASP B 106 4.07 1.54 -17.16
C ASP B 106 4.59 2.69 -16.32
N LYS B 107 3.68 3.42 -15.70
CA LYS B 107 4.05 4.61 -14.97
C LYS B 107 4.80 4.27 -13.69
N GLY B 108 4.44 3.13 -13.10
CA GLY B 108 5.11 2.62 -11.92
C GLY B 108 4.91 3.54 -10.73
N ILE B 109 5.73 3.31 -9.71
CA ILE B 109 5.65 4.07 -8.46
C ILE B 109 7.04 4.60 -8.19
N ARG B 110 7.19 5.91 -8.01
CA ARG B 110 8.54 6.49 -7.87
C ARG B 110 8.79 7.20 -6.53
N ARG B 111 10.06 7.20 -6.10
CA ARG B 111 10.48 7.91 -4.88
C ARG B 111 11.24 9.17 -5.22
N GLU B 112 10.69 10.32 -4.84
CA GLU B 112 11.29 11.60 -5.21
C GLU B 112 11.88 12.30 -3.98
N SER B 113 13.07 12.87 -4.12
CA SER B 113 13.67 13.61 -3.01
C SER B 113 12.95 14.94 -2.88
N THR B 114 13.03 15.55 -1.71
CA THR B 114 12.53 16.90 -1.49
C THR B 114 13.63 17.70 -0.82
N ASN B 115 13.35 18.97 -0.52
CA ASN B 115 14.29 19.79 0.24
C ASN B 115 13.84 19.97 1.69
N GLU B 116 12.94 19.11 2.15
CA GLU B 116 12.37 19.21 3.49
C GLU B 116 13.01 18.20 4.40
N GLU B 117 13.07 18.53 5.68
CA GLU B 117 13.51 17.59 6.70
C GLU B 117 12.52 17.61 7.83
N LEU B 118 12.46 16.50 8.56
CA LEU B 118 11.70 16.41 9.79
C LEU B 118 12.66 16.10 10.95
N TYR B 119 12.94 17.11 11.77
CA TYR B 119 13.84 16.99 12.89
C TYR B 119 15.10 16.20 12.50
N GLY B 120 15.70 16.55 11.37
CA GLY B 120 16.97 15.94 10.96
C GLY B 120 16.87 14.79 9.98
N PHE B 121 15.66 14.29 9.75
CA PHE B 121 15.45 13.21 8.83
C PHE B 121 15.04 13.83 7.51
N ASN B 122 15.70 13.46 6.43
CA ASN B 122 15.26 13.91 5.11
C ASN B 122 13.90 13.35 4.73
N ILE B 123 13.05 14.19 4.13
CA ILE B 123 11.75 13.79 3.67
C ILE B 123 11.77 13.48 2.18
N TYR B 124 11.23 12.31 1.83
CA TYR B 124 11.05 11.89 0.45
C TYR B 124 9.56 11.69 0.22
N GLU B 125 9.16 11.61 -1.05
CA GLU B 125 7.75 11.43 -1.41
C GLU B 125 7.60 10.24 -2.35
N ASP B 126 6.74 9.29 -2.00
CA ASP B 126 6.49 8.15 -2.88
C ASP B 126 5.24 8.47 -3.66
N VAL B 127 5.32 8.38 -4.99
CA VAL B 127 4.26 8.88 -5.86
C VAL B 127 3.56 7.75 -6.62
N TYR B 128 2.27 7.59 -6.36
CA TYR B 128 1.48 6.50 -6.92
C TYR B 128 0.52 7.07 -7.96
N PRO B 129 0.53 6.51 -9.19
CA PRO B 129 -0.36 7.03 -10.23
C PRO B 129 -1.78 6.51 -10.08
N VAL B 130 -2.77 7.35 -10.37
CA VAL B 130 -4.16 6.95 -10.32
C VAL B 130 -4.90 7.44 -11.56
N ALA B 131 -5.61 6.57 -12.25
CA ALA B 131 -6.42 6.98 -13.42
C ALA B 131 -7.90 7.08 -13.04
N LYS B 132 -8.58 8.12 -13.49
CA LYS B 132 -9.97 8.37 -13.08
C LYS B 132 -10.82 8.97 -14.17
N LYS B 133 -12.09 8.58 -14.21
CA LYS B 133 -13.02 9.20 -15.11
C LYS B 133 -14.37 9.31 -14.41
N GLU B 134 -15.07 10.41 -14.62
CA GLU B 134 -16.39 10.59 -14.04
C GLU B 134 -17.45 10.62 -15.13
N LEU B 135 -18.50 9.81 -14.98
CA LEU B 135 -19.59 9.84 -15.94
C LEU B 135 -20.55 10.98 -15.57
N PRO B 136 -21.25 11.54 -16.55
CA PRO B 136 -22.16 12.62 -16.13
C PRO B 136 -23.24 12.13 -15.15
N SER B 137 -23.48 10.81 -15.15
CA SER B 137 -24.47 10.22 -14.27
C SER B 137 -24.03 10.19 -12.81
N GLY B 138 -22.74 10.47 -12.56
CA GLY B 138 -22.24 10.57 -11.21
C GLY B 138 -21.26 9.47 -10.80
N GLU B 139 -21.29 8.35 -11.52
CA GLU B 139 -20.36 7.26 -11.25
C GLU B 139 -18.93 7.69 -11.54
N PHE B 140 -18.01 7.16 -10.75
CA PHE B 140 -16.57 7.32 -10.96
C PHE B 140 -15.97 6.00 -11.39
N ILE B 141 -14.97 6.03 -12.27
CA ILE B 141 -14.13 4.86 -12.47
C ILE B 141 -12.69 5.15 -12.06
N GLY B 142 -12.10 4.30 -11.23
CA GLY B 142 -10.74 4.49 -10.75
C GLY B 142 -9.81 3.36 -11.15
N ILE B 143 -8.56 3.69 -11.47
CA ILE B 143 -7.56 2.64 -11.62
C ILE B 143 -6.42 2.98 -10.70
N VAL B 144 -6.15 2.10 -9.73
CA VAL B 144 -5.09 2.37 -8.80
C VAL B 144 -3.97 1.36 -9.01
N LEU B 145 -2.75 1.83 -8.80
CA LEU B 145 -1.58 0.98 -8.84
C LEU B 145 -1.17 0.65 -7.43
N LYS B 146 -1.09 -0.63 -7.12
CA LYS B 146 -0.64 -1.08 -5.82
C LYS B 146 0.57 -1.95 -6.01
N HIS B 147 1.45 -1.92 -5.02
CA HIS B 147 2.60 -2.79 -5.06
C HIS B 147 2.12 -4.21 -4.81
N LYS B 148 2.24 -5.01 -5.88
CA LYS B 148 1.84 -6.40 -5.92
C LYS B 148 2.24 -7.11 -4.63
N GLN B 149 1.25 -7.72 -3.98
CA GLN B 149 1.50 -8.44 -2.74
C GLN B 149 2.35 -9.68 -3.00
N ARG B 150 3.38 -9.88 -2.17
CA ARG B 150 4.21 -11.08 -2.20
C ARG B 150 5.10 -11.17 -3.43
N ALA B 151 5.01 -10.18 -4.32
CA ALA B 151 5.75 -10.25 -5.57
C ALA B 151 6.31 -8.90 -6.02
N VAL B 152 7.33 -8.94 -6.88
CA VAL B 152 7.85 -7.75 -7.54
C VAL B 152 6.85 -7.14 -8.54
N GLY B 153 6.95 -5.84 -8.78
CA GLY B 153 6.13 -5.20 -9.79
C GLY B 153 4.84 -4.61 -9.23
N TYR B 154 3.83 -4.53 -10.08
CA TYR B 154 2.58 -3.88 -9.68
C TYR B 154 1.37 -4.72 -9.97
N GLN B 155 0.29 -4.31 -9.35
CA GLN B 155 -1.00 -4.79 -9.75
C GLN B 155 -1.82 -3.53 -9.93
N SER B 156 -2.63 -3.54 -10.97
CA SER B 156 -3.51 -2.44 -11.25
C SER B 156 -4.87 -2.92 -10.84
N MET B 157 -5.61 -2.09 -10.13
CA MET B 157 -6.91 -2.50 -9.68
C MET B 157 -7.92 -1.50 -10.18
N VAL B 158 -9.01 -2.01 -10.76
CA VAL B 158 -10.12 -1.20 -11.24
C VAL B 158 -11.32 -1.12 -10.28
N TYR B 159 -11.78 0.09 -10.01
CA TYR B 159 -12.90 0.34 -9.10
C TYR B 159 -13.99 1.10 -9.81
N VAL B 160 -15.24 0.75 -9.54
CA VAL B 160 -16.34 1.61 -9.93
C VAL B 160 -16.97 2.16 -8.67
N CYS B 161 -17.22 3.45 -8.68
CA CYS B 161 -17.81 4.11 -7.53
C CYS B 161 -19.20 4.62 -7.93
N ILE B 162 -20.21 4.03 -7.30
CA ILE B 162 -21.61 4.30 -7.59
C ILE B 162 -22.27 5.09 -6.48
N PRO B 163 -22.61 6.36 -6.73
CA PRO B 163 -23.30 7.18 -5.73
C PRO B 163 -24.58 6.53 -5.20
N LEU B 164 -24.81 6.64 -3.88
CA LEU B 164 -26.03 6.11 -3.27
C LEU B 164 -27.29 6.75 -3.84
N THR B 165 -27.16 7.95 -4.40
CA THR B 165 -28.29 8.63 -5.04
C THR B 165 -28.76 7.92 -6.32
N ASN B 166 -27.92 7.02 -6.85
CA ASN B 166 -28.22 6.34 -8.11
C ASN B 166 -28.69 4.91 -7.95
N VAL B 167 -28.94 4.49 -6.70
CA VAL B 167 -29.43 3.14 -6.42
C VAL B 167 -30.85 3.18 -5.84
N GLU B 168 -31.47 2.02 -5.81
CA GLU B 168 -32.80 1.87 -5.24
C GLU B 168 -32.81 0.69 -4.27
N PRO B 169 -33.52 0.83 -3.14
CA PRO B 169 -34.25 2.04 -2.77
C PRO B 169 -33.33 3.16 -2.25
N SER B 170 -33.89 4.34 -2.07
CA SER B 170 -33.18 5.46 -1.47
C SER B 170 -32.89 5.22 0.00
N LEU B 171 -31.61 5.26 0.36
CA LEU B 171 -31.19 5.10 1.74
C LEU B 171 -31.43 6.35 2.58
N ALA B 172 -31.94 7.40 1.95
CA ALA B 172 -32.15 8.69 2.63
C ALA B 172 -32.92 8.55 3.93
N GLY B 173 -32.37 9.13 4.99
CA GLY B 173 -33.07 9.29 6.26
C GLY B 173 -33.10 8.12 7.20
N ARG B 174 -32.27 7.11 6.97
CA ARG B 174 -32.32 5.90 7.77
C ARG B 174 -31.02 5.08 7.68
N VAL B 175 -30.84 4.17 8.64
CA VAL B 175 -29.75 3.21 8.55
C VAL B 175 -30.13 2.09 7.60
N ALA B 176 -29.13 1.40 7.05
CA ALA B 176 -29.42 0.23 6.22
C ALA B 176 -30.07 -0.84 7.06
N ARG B 177 -30.95 -1.63 6.45
CA ARG B 177 -31.50 -2.79 7.14
C ARG B 177 -30.42 -3.88 7.21
N ARG B 178 -30.61 -4.88 8.07
CA ARG B 178 -29.76 -6.08 8.06
C ARG B 178 -29.74 -6.74 6.69
N ASN B 179 -28.53 -7.11 6.24
CA ASN B 179 -28.35 -7.74 4.93
C ASN B 179 -28.99 -6.97 3.78
N GLU B 180 -29.08 -5.65 3.91
CA GLU B 180 -29.68 -4.87 2.85
C GLU B 180 -28.83 -4.98 1.58
N VAL B 181 -29.56 -5.12 0.47
CA VAL B 181 -28.96 -5.24 -0.84
C VAL B 181 -29.66 -4.18 -1.68
N VAL B 182 -28.94 -3.49 -2.57
CA VAL B 182 -29.61 -2.49 -3.41
C VAL B 182 -29.52 -2.89 -4.88
N LYS B 183 -30.38 -2.31 -5.71
CA LYS B 183 -30.34 -2.65 -7.12
C LYS B 183 -29.87 -1.45 -7.93
N TYR B 184 -28.99 -1.72 -8.87
CA TYR B 184 -28.44 -0.68 -9.73
C TYR B 184 -28.58 -1.06 -11.19
N GLU B 185 -29.24 -0.23 -11.99
CA GLU B 185 -29.32 -0.48 -13.43
C GLU B 185 -28.03 -0.01 -14.09
N VAL B 186 -27.30 -0.96 -14.66
CA VAL B 186 -26.00 -0.70 -15.27
C VAL B 186 -26.12 -0.07 -16.65
N PRO B 187 -25.71 1.20 -16.78
CA PRO B 187 -25.78 1.85 -18.10
C PRO B 187 -24.69 1.38 -19.05
N VAL B 188 -25.01 1.33 -20.35
CA VAL B 188 -24.10 0.82 -21.35
C VAL B 188 -22.75 1.57 -21.33
N ASP B 189 -22.83 2.88 -21.11
CA ASP B 189 -21.67 3.73 -20.94
C ASP B 189 -20.71 3.22 -19.86
N LEU B 190 -21.28 2.71 -18.78
CA LEU B 190 -20.46 2.24 -17.69
C LEU B 190 -19.71 0.98 -18.11
N MET B 191 -20.37 0.09 -18.83
CA MET B 191 -19.72 -1.16 -19.22
C MET B 191 -18.59 -0.90 -20.19
N LYS B 192 -18.86 0.00 -21.12
CA LYS B 192 -17.86 0.48 -22.07
C LYS B 192 -16.64 1.02 -21.35
N GLU B 193 -16.85 1.95 -20.43
CA GLU B 193 -15.75 2.63 -19.76
C GLU B 193 -14.98 1.71 -18.81
N LEU B 194 -15.64 0.69 -18.26
CA LEU B 194 -14.92 -0.25 -17.41
C LEU B 194 -14.02 -1.14 -18.24
N LEU B 195 -14.53 -1.57 -19.41
CA LEU B 195 -13.72 -2.34 -20.34
C LEU B 195 -12.50 -1.50 -20.75
N LYS B 196 -12.72 -0.21 -21.00
CA LYS B 196 -11.64 0.69 -21.34
C LYS B 196 -10.62 0.83 -20.21
N ALA B 197 -11.11 0.86 -18.96
CA ALA B 197 -10.24 0.93 -17.81
C ALA B 197 -9.31 -0.28 -17.76
N PHE B 198 -9.85 -1.48 -17.97
CA PHE B 198 -9.02 -2.68 -17.89
C PHE B 198 -7.98 -2.71 -19.00
N ILE B 199 -8.39 -2.26 -20.18
CA ILE B 199 -7.52 -2.07 -21.34
C ILE B 199 -6.30 -1.21 -21.06
N ILE B 200 -6.48 -0.11 -20.33
CA ILE B 200 -5.34 0.77 -20.08
C ILE B 200 -4.60 0.44 -18.78
N ALA B 201 -5.23 -0.36 -17.92
CA ALA B 201 -4.63 -0.74 -16.64
C ALA B 201 -3.26 -1.42 -16.82
N SER B 202 -3.20 -2.39 -17.74
CA SER B 202 -1.96 -3.08 -18.08
C SER B 202 -2.13 -3.84 -19.40
N GLU B 203 -1.02 -4.27 -19.98
CA GLU B 203 -1.06 -5.05 -21.21
C GLU B 203 -1.66 -6.42 -20.98
N THR B 204 -1.48 -6.97 -19.79
CA THR B 204 -2.01 -8.31 -19.55
C THR B 204 -3.53 -8.26 -19.35
N HIS B 205 -4.01 -7.20 -18.67
CA HIS B 205 -5.45 -6.96 -18.58
C HIS B 205 -6.05 -6.68 -19.97
N LYS B 206 -5.33 -5.89 -20.76
CA LYS B 206 -5.80 -5.64 -22.14
C LYS B 206 -5.94 -6.94 -22.94
N ASN B 207 -4.88 -7.74 -22.96
CA ASN B 207 -4.88 -8.99 -23.73
C ASN B 207 -6.05 -9.88 -23.34
N ASP B 208 -6.33 -9.94 -22.03
CA ASP B 208 -7.51 -10.64 -21.53
C ASP B 208 -8.80 -10.04 -22.06
N ILE B 209 -8.96 -8.73 -21.94
CA ILE B 209 -10.22 -8.14 -22.39
C ILE B 209 -10.42 -8.34 -23.90
N VAL B 210 -9.34 -8.20 -24.68
CA VAL B 210 -9.41 -8.36 -26.15
C VAL B 210 -9.85 -9.76 -26.53
N LYS B 211 -9.27 -10.76 -25.86
CA LYS B 211 -9.63 -12.14 -26.15
C LYS B 211 -11.09 -12.36 -25.79
N PHE B 212 -11.56 -11.74 -24.71
CA PHE B 212 -12.95 -11.91 -24.29
C PHE B 212 -13.95 -11.28 -25.28
N LEU B 213 -13.67 -10.06 -25.70
CA LEU B 213 -14.56 -9.39 -26.62
C LEU B 213 -14.53 -10.04 -28.01
N ARG B 214 -13.35 -10.44 -28.47
CA ARG B 214 -13.27 -11.22 -29.71
C ARG B 214 -14.01 -12.54 -29.53
N SER B 215 -14.09 -13.03 -28.30
CA SER B 215 -14.84 -14.25 -27.99
C SER B 215 -16.34 -14.04 -28.21
N ILE B 216 -16.83 -12.86 -27.82
CA ILE B 216 -18.23 -12.51 -28.05
C ILE B 216 -18.56 -12.43 -29.54
N ILE B 217 -17.51 -12.29 -30.36
CA ILE B 217 -17.60 -12.24 -31.85
C ILE B 217 -18.78 -11.42 -32.37
#